data_6IMH
#
_entry.id   6IMH
#
_entity_poly.entity_id   1
_entity_poly.type   'polypeptide(L)'
_entity_poly.pdbx_seq_one_letter_code
;(ACE)GCPCEPSYLCPWLPGC(NH2)
;
_entity_poly.pdbx_strand_id   A
#
# COMPACT_ATOMS: atom_id res chain seq x y z
N GLY A 2 -6.05 -4.80 5.34
CA GLY A 2 -4.68 -4.88 4.85
C GLY A 2 -4.04 -3.51 4.79
N CYS A 3 -3.39 -3.21 3.67
CA CYS A 3 -2.72 -1.93 3.50
C CYS A 3 -3.75 -0.79 3.49
N PRO A 4 -3.50 0.27 4.21
CA PRO A 4 -4.42 1.44 4.28
C PRO A 4 -4.50 2.20 2.96
N CYS A 5 -3.55 1.93 2.06
CA CYS A 5 -3.53 2.60 0.77
C CYS A 5 -4.39 1.86 -0.23
N GLU A 6 -5.30 2.58 -0.87
CA GLU A 6 -6.18 1.99 -1.86
C GLU A 6 -6.34 2.90 -3.08
N PRO A 7 -5.80 2.53 -4.22
CA PRO A 7 -5.04 1.26 -4.38
C PRO A 7 -3.75 1.25 -3.55
N SER A 8 -3.30 0.05 -3.18
CA SER A 8 -2.11 -0.09 -2.36
C SER A 8 -0.86 0.31 -3.15
N TYR A 9 -0.97 0.22 -4.48
CA TYR A 9 0.16 0.57 -5.34
C TYR A 9 0.61 2.00 -5.09
N LEU A 10 -0.26 2.80 -4.47
CA LEU A 10 0.05 4.19 -4.18
C LEU A 10 1.14 4.29 -3.13
N CYS A 11 1.27 3.25 -2.31
CA CYS A 11 2.29 3.26 -1.26
C CYS A 11 3.23 2.07 -1.42
N PRO A 12 4.07 2.12 -2.42
CA PRO A 12 5.07 1.04 -2.69
C PRO A 12 6.10 0.91 -1.58
N TRP A 13 6.30 1.98 -0.84
CA TRP A 13 7.25 1.97 0.27
C TRP A 13 6.73 1.12 1.41
N LEU A 14 5.44 0.76 1.36
CA LEU A 14 4.85 -0.05 2.41
C LEU A 14 4.88 -1.53 2.02
N PRO A 15 5.64 -2.32 2.73
CA PRO A 15 5.76 -3.79 2.45
C PRO A 15 4.39 -4.48 2.41
N GLY A 16 3.50 -4.06 3.31
CA GLY A 16 2.16 -4.64 3.36
C GLY A 16 1.40 -4.37 2.07
N CYS A 17 1.57 -3.18 1.52
CA CYS A 17 0.89 -2.80 0.29
C CYS A 17 1.27 -3.74 -0.85
N GLY A 2 -5.30 -5.22 6.08
CA GLY A 2 -4.78 -4.92 4.75
C GLY A 2 -4.10 -3.56 4.72
N CYS A 3 -3.48 -3.23 3.58
CA CYS A 3 -2.78 -1.96 3.46
C CYS A 3 -3.79 -0.79 3.48
N PRO A 4 -3.51 0.28 4.20
CA PRO A 4 -4.43 1.46 4.28
C PRO A 4 -4.52 2.21 2.95
N CYS A 5 -3.54 1.99 2.08
CA CYS A 5 -3.53 2.67 0.79
C CYS A 5 -4.39 1.90 -0.21
N GLU A 6 -5.33 2.60 -0.84
CA GLU A 6 -6.20 1.97 -1.83
C GLU A 6 -6.36 2.88 -3.06
N PRO A 7 -5.80 2.53 -4.20
CA PRO A 7 -5.03 1.26 -4.39
C PRO A 7 -3.73 1.27 -3.59
N SER A 8 -3.29 0.08 -3.18
CA SER A 8 -2.08 -0.05 -2.39
C SER A 8 -0.85 0.34 -3.20
N TYR A 9 -0.97 0.28 -4.52
CA TYR A 9 0.16 0.62 -5.39
C TYR A 9 0.61 2.07 -5.14
N LEU A 10 -0.26 2.86 -4.52
CA LEU A 10 0.06 4.25 -4.22
C LEU A 10 1.15 4.34 -3.15
N CYS A 11 1.27 3.29 -2.34
CA CYS A 11 2.26 3.28 -1.27
C CYS A 11 3.18 2.07 -1.43
N PRO A 12 4.02 2.10 -2.43
CA PRO A 12 4.98 0.99 -2.71
C PRO A 12 6.03 0.87 -1.60
N TRP A 13 6.24 1.95 -0.87
CA TRP A 13 7.21 1.95 0.21
C TRP A 13 6.71 1.10 1.38
N LEU A 14 5.41 0.76 1.36
CA LEU A 14 4.85 -0.06 2.42
C LEU A 14 4.93 -1.55 2.07
N PRO A 15 5.69 -2.34 2.80
CA PRO A 15 5.83 -3.80 2.53
C PRO A 15 4.47 -4.50 2.47
N GLY A 16 3.58 -4.10 3.36
CA GLY A 16 2.25 -4.69 3.42
C GLY A 16 1.47 -4.44 2.12
N CYS A 17 1.63 -3.24 1.57
CA CYS A 17 0.94 -2.88 0.33
C CYS A 17 1.33 -3.83 -0.78
N GLY A 2 -5.45 -5.07 6.03
CA GLY A 2 -4.65 -4.91 4.82
C GLY A 2 -4.00 -3.53 4.76
N CYS A 3 -3.37 -3.24 3.63
CA CYS A 3 -2.70 -1.95 3.49
C CYS A 3 -3.74 -0.81 3.49
N PRO A 4 -3.50 0.28 4.20
CA PRO A 4 -4.44 1.44 4.26
C PRO A 4 -4.52 2.19 2.92
N CYS A 5 -3.54 1.97 2.06
CA CYS A 5 -3.52 2.65 0.77
C CYS A 5 -4.38 1.89 -0.24
N GLU A 6 -5.32 2.60 -0.84
CA GLU A 6 -6.19 2.00 -1.82
C GLU A 6 -6.34 2.89 -3.07
N PRO A 7 -5.79 2.51 -4.20
CA PRO A 7 -5.03 1.24 -4.37
C PRO A 7 -3.74 1.25 -3.56
N SER A 8 -3.29 0.06 -3.17
CA SER A 8 -2.08 -0.09 -2.37
C SER A 8 -0.85 0.31 -3.17
N TYR A 9 -0.95 0.24 -4.49
CA TYR A 9 0.16 0.58 -5.35
C TYR A 9 0.60 2.03 -5.10
N LEU A 10 -0.28 2.82 -4.49
CA LEU A 10 0.04 4.21 -4.19
C LEU A 10 1.13 4.31 -3.12
N CYS A 11 1.27 3.26 -2.33
CA CYS A 11 2.28 3.26 -1.28
C CYS A 11 3.21 2.06 -1.44
N PRO A 12 4.06 2.10 -2.43
CA PRO A 12 5.04 1.01 -2.71
C PRO A 12 6.09 0.89 -1.60
N TRP A 13 6.27 1.96 -0.86
CA TRP A 13 7.22 1.96 0.24
C TRP A 13 6.70 1.10 1.39
N LEU A 14 5.42 0.76 1.36
CA LEU A 14 4.84 -0.05 2.42
C LEU A 14 4.90 -1.55 2.06
N PRO A 15 5.65 -2.34 2.79
CA PRO A 15 5.76 -3.80 2.51
C PRO A 15 4.41 -4.49 2.44
N GLY A 16 3.51 -4.08 3.32
CA GLY A 16 2.16 -4.65 3.36
C GLY A 16 1.42 -4.37 2.06
N CYS A 17 1.59 -3.17 1.53
CA CYS A 17 0.92 -2.79 0.29
C CYS A 17 1.32 -3.72 -0.84
N GLY A 2 -4.01 -5.55 6.36
CA GLY A 2 -3.88 -5.12 4.97
C GLY A 2 -3.31 -3.72 4.88
N CYS A 3 -3.03 -3.28 3.65
CA CYS A 3 -2.47 -1.96 3.46
C CYS A 3 -3.58 -0.89 3.48
N PRO A 4 -3.38 0.21 4.17
CA PRO A 4 -4.39 1.31 4.26
C PRO A 4 -4.51 2.09 2.95
N CYS A 5 -3.53 1.91 2.06
CA CYS A 5 -3.54 2.61 0.78
C CYS A 5 -4.41 1.89 -0.24
N GLU A 6 -5.33 2.62 -0.87
CA GLU A 6 -6.20 2.02 -1.86
C GLU A 6 -6.34 2.96 -3.08
N PRO A 7 -5.79 2.60 -4.22
CA PRO A 7 -5.03 1.33 -4.42
C PRO A 7 -3.76 1.30 -3.57
N SER A 8 -3.33 0.10 -3.22
CA SER A 8 -2.14 -0.08 -2.41
C SER A 8 -0.89 0.32 -3.19
N TYR A 9 -1.00 0.28 -4.52
CA TYR A 9 0.13 0.63 -5.38
C TYR A 9 0.58 2.06 -5.11
N LEU A 10 -0.30 2.87 -4.47
CA LEU A 10 0.02 4.25 -4.17
C LEU A 10 1.13 4.32 -3.13
N CYS A 11 1.24 3.27 -2.31
CA CYS A 11 2.25 3.25 -1.27
C CYS A 11 3.13 2.01 -1.42
N PRO A 12 4.00 2.01 -2.40
CA PRO A 12 4.92 0.86 -2.66
C PRO A 12 5.97 0.73 -1.56
N TRP A 13 6.29 1.83 -0.90
CA TRP A 13 7.26 1.80 0.17
C TRP A 13 6.72 0.96 1.32
N LEU A 14 5.39 0.81 1.37
CA LEU A 14 4.78 0.03 2.44
C LEU A 14 4.85 -1.47 2.14
N PRO A 15 5.56 -2.24 2.93
CA PRO A 15 5.71 -3.71 2.72
C PRO A 15 4.36 -4.40 2.59
N GLY A 16 3.40 -3.98 3.40
CA GLY A 16 2.06 -4.57 3.36
C GLY A 16 1.40 -4.33 2.00
N CYS A 17 1.62 -3.14 1.46
CA CYS A 17 1.04 -2.78 0.16
C CYS A 17 1.54 -3.72 -0.92
N GLY A 2 -5.16 -5.21 6.22
CA GLY A 2 -4.57 -4.96 4.91
C GLY A 2 -3.93 -3.58 4.86
N CYS A 3 -3.40 -3.22 3.68
CA CYS A 3 -2.75 -1.94 3.53
C CYS A 3 -3.79 -0.81 3.52
N PRO A 4 -3.54 0.28 4.21
CA PRO A 4 -4.48 1.44 4.27
C PRO A 4 -4.56 2.19 2.94
N CYS A 5 -3.56 1.98 2.08
CA CYS A 5 -3.54 2.64 0.79
C CYS A 5 -4.42 1.90 -0.20
N GLU A 6 -5.30 2.64 -0.87
CA GLU A 6 -6.17 2.02 -1.85
C GLU A 6 -6.31 2.92 -3.10
N PRO A 7 -5.77 2.53 -4.22
CA PRO A 7 -5.01 1.25 -4.37
C PRO A 7 -3.73 1.24 -3.53
N SER A 8 -3.29 0.05 -3.15
CA SER A 8 -2.09 -0.07 -2.34
C SER A 8 -0.84 0.28 -3.14
N TYR A 9 -0.95 0.20 -4.46
CA TYR A 9 0.17 0.52 -5.33
C TYR A 9 0.62 1.96 -5.11
N LEU A 10 -0.24 2.77 -4.50
CA LEU A 10 0.08 4.16 -4.23
C LEU A 10 1.16 4.27 -3.17
N CYS A 11 1.28 3.24 -2.34
CA CYS A 11 2.27 3.25 -1.27
C CYS A 11 3.22 2.07 -1.43
N PRO A 12 4.07 2.12 -2.42
CA PRO A 12 5.07 1.05 -2.69
C PRO A 12 6.10 0.93 -1.57
N TRP A 13 6.28 2.01 -0.82
CA TRP A 13 7.22 2.02 0.29
C TRP A 13 6.71 1.15 1.44
N LEU A 14 5.42 0.76 1.37
CA LEU A 14 4.84 -0.06 2.40
C LEU A 14 4.89 -1.54 2.00
N PRO A 15 5.66 -2.35 2.69
CA PRO A 15 5.78 -3.80 2.39
C PRO A 15 4.42 -4.49 2.36
N GLY A 16 3.54 -4.09 3.27
CA GLY A 16 2.21 -4.67 3.34
C GLY A 16 1.42 -4.38 2.06
N CYS A 17 1.58 -3.18 1.54
CA CYS A 17 0.88 -2.79 0.32
C CYS A 17 1.24 -3.71 -0.84
N GLY A 2 -3.57 -5.80 6.19
CA GLY A 2 -3.75 -5.23 4.85
C GLY A 2 -3.10 -3.84 4.77
N CYS A 3 -3.09 -3.27 3.57
CA CYS A 3 -2.50 -1.95 3.39
C CYS A 3 -3.57 -0.86 3.46
N PRO A 4 -3.33 0.23 4.16
CA PRO A 4 -4.33 1.34 4.28
C PRO A 4 -4.46 2.13 2.99
N CYS A 5 -3.53 1.94 2.06
CA CYS A 5 -3.55 2.66 0.79
C CYS A 5 -4.43 1.92 -0.22
N GLU A 6 -5.36 2.64 -0.84
CA GLU A 6 -6.25 2.04 -1.83
C GLU A 6 -6.40 2.95 -3.05
N PRO A 7 -5.85 2.59 -4.19
CA PRO A 7 -5.10 1.31 -4.39
C PRO A 7 -3.79 1.28 -3.62
N SER A 8 -3.37 0.08 -3.24
CA SER A 8 -2.15 -0.10 -2.46
C SER A 8 -0.91 0.31 -3.27
N TYR A 9 -1.03 0.30 -4.60
CA TYR A 9 0.10 0.65 -5.44
C TYR A 9 0.57 2.08 -5.16
N LEU A 10 -0.29 2.87 -4.51
CA LEU A 10 0.04 4.25 -4.19
C LEU A 10 1.12 4.32 -3.12
N CYS A 11 1.27 3.25 -2.35
CA CYS A 11 2.27 3.24 -1.28
C CYS A 11 3.19 2.03 -1.43
N PRO A 12 4.03 2.05 -2.43
CA PRO A 12 4.99 0.94 -2.69
C PRO A 12 6.01 0.78 -1.57
N TRP A 13 6.30 1.88 -0.88
CA TRP A 13 7.24 1.85 0.22
C TRP A 13 6.72 1.01 1.38
N LEU A 14 5.41 0.79 1.41
CA LEU A 14 4.81 0.01 2.49
C LEU A 14 4.89 -1.49 2.19
N PRO A 15 5.60 -2.26 3.00
CA PRO A 15 5.73 -3.74 2.78
C PRO A 15 4.37 -4.43 2.63
N GLY A 16 3.41 -4.01 3.43
CA GLY A 16 2.08 -4.59 3.38
C GLY A 16 1.42 -4.38 2.02
N CYS A 17 1.62 -3.20 1.45
CA CYS A 17 1.03 -2.87 0.16
C CYS A 17 1.49 -3.87 -0.91
N GLY A 2 -5.36 -5.11 6.04
CA GLY A 2 -4.64 -4.92 4.79
C GLY A 2 -3.95 -3.56 4.76
N CYS A 3 -3.36 -3.22 3.62
CA CYS A 3 -2.67 -1.93 3.49
C CYS A 3 -3.69 -0.78 3.51
N PRO A 4 -3.44 0.28 4.23
CA PRO A 4 -4.39 1.44 4.29
C PRO A 4 -4.49 2.20 2.97
N CYS A 5 -3.52 1.98 2.10
CA CYS A 5 -3.51 2.66 0.80
C CYS A 5 -4.37 1.88 -0.21
N GLU A 6 -5.31 2.59 -0.82
CA GLU A 6 -6.19 1.96 -1.81
C GLU A 6 -6.34 2.85 -3.05
N PRO A 7 -5.80 2.48 -4.19
CA PRO A 7 -5.03 1.22 -4.38
C PRO A 7 -3.72 1.22 -3.59
N SER A 8 -3.30 0.03 -3.17
CA SER A 8 -2.07 -0.11 -2.38
C SER A 8 -0.84 0.27 -3.20
N TYR A 9 -0.96 0.24 -4.52
CA TYR A 9 0.17 0.59 -5.38
C TYR A 9 0.61 2.03 -5.12
N LEU A 10 -0.26 2.82 -4.52
CA LEU A 10 0.05 4.22 -4.22
C LEU A 10 1.13 4.32 -3.15
N CYS A 11 1.29 3.25 -2.35
CA CYS A 11 2.28 3.26 -1.30
C CYS A 11 3.22 2.07 -1.44
N PRO A 12 4.07 2.10 -2.44
CA PRO A 12 5.05 1.02 -2.70
C PRO A 12 6.07 0.89 -1.57
N TRP A 13 6.27 1.98 -0.84
CA TRP A 13 7.20 1.97 0.28
C TRP A 13 6.68 1.11 1.43
N LEU A 14 5.40 0.77 1.40
CA LEU A 14 4.81 -0.05 2.45
C LEU A 14 4.88 -1.54 2.09
N PRO A 15 5.62 -2.34 2.82
CA PRO A 15 5.74 -3.80 2.52
C PRO A 15 4.37 -4.48 2.42
N GLY A 16 3.47 -4.09 3.31
CA GLY A 16 2.12 -4.65 3.32
C GLY A 16 1.39 -4.37 2.02
N CYS A 17 1.56 -3.17 1.49
CA CYS A 17 0.90 -2.78 0.25
C CYS A 17 1.30 -3.71 -0.89
N GLY A 2 -4.53 -5.62 5.94
CA GLY A 2 -4.56 -5.04 4.60
C GLY A 2 -3.89 -3.67 4.60
N CYS A 3 -3.32 -3.28 3.47
CA CYS A 3 -2.65 -1.99 3.37
C CYS A 3 -3.68 -0.84 3.41
N PRO A 4 -3.43 0.20 4.19
CA PRO A 4 -4.36 1.37 4.29
C PRO A 4 -4.48 2.14 2.98
N CYS A 5 -3.50 1.97 2.09
CA CYS A 5 -3.51 2.67 0.81
C CYS A 5 -4.38 1.92 -0.20
N GLU A 6 -5.31 2.62 -0.82
CA GLU A 6 -6.19 2.00 -1.81
C GLU A 6 -6.34 2.91 -3.05
N PRO A 7 -5.80 2.55 -4.19
CA PRO A 7 -5.03 1.28 -4.39
C PRO A 7 -3.73 1.27 -3.58
N SER A 8 -3.30 0.08 -3.19
CA SER A 8 -2.09 -0.07 -2.41
C SER A 8 -0.86 0.33 -3.22
N TYR A 9 -0.99 0.29 -4.54
CA TYR A 9 0.13 0.63 -5.41
C TYR A 9 0.58 2.08 -5.14
N LEU A 10 -0.31 2.87 -4.52
CA LEU A 10 0.02 4.26 -4.20
C LEU A 10 1.12 4.32 -3.14
N CYS A 11 1.23 3.28 -2.33
CA CYS A 11 2.24 3.25 -1.27
C CYS A 11 3.13 2.02 -1.42
N PRO A 12 3.98 2.03 -2.42
CA PRO A 12 4.92 0.91 -2.69
C PRO A 12 5.96 0.76 -1.59
N TRP A 13 6.27 1.86 -0.92
CA TRP A 13 7.24 1.83 0.16
C TRP A 13 6.72 0.98 1.32
N LEU A 14 5.41 0.78 1.38
CA LEU A 14 4.81 0.00 2.45
C LEU A 14 4.90 -1.51 2.15
N PRO A 15 5.62 -2.27 2.95
CA PRO A 15 5.76 -3.74 2.72
C PRO A 15 4.41 -4.44 2.58
N GLY A 16 3.47 -4.02 3.41
CA GLY A 16 2.12 -4.59 3.39
C GLY A 16 1.43 -4.34 2.05
N CYS A 17 1.65 -3.15 1.50
CA CYS A 17 1.04 -2.78 0.23
C CYS A 17 1.51 -3.71 -0.88
N GLY A 2 -5.43 -5.25 5.80
CA GLY A 2 -4.69 -4.98 4.57
C GLY A 2 -4.08 -3.59 4.59
N CYS A 3 -3.38 -3.24 3.50
CA CYS A 3 -2.74 -1.95 3.44
C CYS A 3 -3.78 -0.82 3.44
N PRO A 4 -3.55 0.24 4.16
CA PRO A 4 -4.50 1.38 4.24
C PRO A 4 -4.58 2.14 2.91
N CYS A 5 -3.57 1.96 2.08
CA CYS A 5 -3.54 2.64 0.78
C CYS A 5 -4.39 1.89 -0.22
N GLU A 6 -5.32 2.60 -0.84
CA GLU A 6 -6.20 2.00 -1.83
C GLU A 6 -6.36 2.91 -3.06
N PRO A 7 -5.81 2.55 -4.19
CA PRO A 7 -5.03 1.29 -4.36
C PRO A 7 -3.75 1.30 -3.53
N SER A 8 -3.30 0.11 -3.12
CA SER A 8 -2.09 0.00 -2.32
C SER A 8 -0.86 0.34 -3.14
N TYR A 9 -0.99 0.26 -4.46
CA TYR A 9 0.12 0.57 -5.35
C TYR A 9 0.58 2.00 -5.13
N LEU A 10 -0.28 2.81 -4.51
CA LEU A 10 0.06 4.20 -4.22
C LEU A 10 1.16 4.28 -3.19
N CYS A 11 1.25 3.27 -2.33
CA CYS A 11 2.27 3.25 -1.29
C CYS A 11 3.18 2.04 -1.44
N PRO A 12 4.03 2.06 -2.44
CA PRO A 12 4.98 0.94 -2.70
C PRO A 12 6.03 0.81 -1.60
N TRP A 13 6.28 1.90 -0.89
CA TRP A 13 7.26 1.88 0.20
C TRP A 13 6.75 1.04 1.36
N LEU A 14 5.44 0.75 1.36
CA LEU A 14 4.87 -0.04 2.44
C LEU A 14 4.93 -1.54 2.10
N PRO A 15 5.67 -2.31 2.85
CA PRO A 15 5.81 -3.78 2.62
C PRO A 15 4.45 -4.47 2.50
N GLY A 16 3.52 -4.08 3.35
CA GLY A 16 2.18 -4.66 3.34
C GLY A 16 1.47 -4.36 2.03
N CYS A 17 1.65 -3.14 1.53
CA CYS A 17 1.01 -2.72 0.30
C CYS A 17 1.45 -3.62 -0.86
N GLY A 2 -4.85 -5.35 5.89
CA GLY A 2 -3.96 -5.25 4.75
C GLY A 2 -3.27 -3.90 4.72
N CYS A 3 -3.28 -3.24 3.56
CA CYS A 3 -2.65 -1.93 3.44
C CYS A 3 -3.69 -0.81 3.47
N PRO A 4 -3.44 0.28 4.18
CA PRO A 4 -4.40 1.42 4.26
C PRO A 4 -4.52 2.19 2.95
N CYS A 5 -3.55 2.00 2.07
CA CYS A 5 -3.56 2.69 0.78
C CYS A 5 -4.41 1.93 -0.23
N GLU A 6 -5.37 2.64 -0.85
CA GLU A 6 -6.23 2.02 -1.84
C GLU A 6 -6.37 2.92 -3.08
N PRO A 7 -5.82 2.53 -4.21
CA PRO A 7 -5.05 1.26 -4.40
C PRO A 7 -3.75 1.26 -3.59
N SER A 8 -3.33 0.09 -3.16
CA SER A 8 -2.12 -0.04 -2.36
C SER A 8 -0.88 0.32 -3.17
N TYR A 9 -0.99 0.27 -4.50
CA TYR A 9 0.14 0.58 -5.35
C TYR A 9 0.60 2.02 -5.11
N LEU A 10 -0.28 2.83 -4.51
CA LEU A 10 0.05 4.22 -4.23
C LEU A 10 1.13 4.32 -3.16
N CYS A 11 1.25 3.28 -2.34
CA CYS A 11 2.24 3.27 -1.27
C CYS A 11 3.15 2.05 -1.42
N PRO A 12 3.99 2.06 -2.41
CA PRO A 12 4.96 0.94 -2.68
C PRO A 12 5.99 0.81 -1.58
N TRP A 13 6.24 1.91 -0.87
CA TRP A 13 7.20 1.90 0.21
C TRP A 13 6.70 1.04 1.38
N LEU A 14 5.40 0.76 1.39
CA LEU A 14 4.84 -0.05 2.47
C LEU A 14 4.93 -1.55 2.13
N PRO A 15 5.66 -2.34 2.90
CA PRO A 15 5.80 -3.80 2.64
C PRO A 15 4.45 -4.49 2.51
N GLY A 16 3.50 -4.10 3.36
CA GLY A 16 2.17 -4.67 3.33
C GLY A 16 1.47 -4.39 2.01
N CYS A 17 1.67 -3.19 1.49
CA CYS A 17 1.04 -2.79 0.24
C CYS A 17 1.50 -3.70 -0.90
N GLY A 2 -4.69 -5.52 5.97
CA GLY A 2 -4.54 -5.01 4.61
C GLY A 2 -3.86 -3.65 4.61
N CYS A 3 -3.35 -3.23 3.46
CA CYS A 3 -2.67 -1.94 3.36
C CYS A 3 -3.69 -0.80 3.45
N PRO A 4 -3.41 0.26 4.18
CA PRO A 4 -4.33 1.42 4.31
C PRO A 4 -4.45 2.22 3.00
N CYS A 5 -3.53 1.96 2.08
CA CYS A 5 -3.54 2.67 0.79
C CYS A 5 -4.39 1.92 -0.24
N GLU A 6 -5.33 2.63 -0.84
CA GLU A 6 -6.20 2.02 -1.84
C GLU A 6 -6.35 2.93 -3.09
N PRO A 7 -5.80 2.54 -4.22
CA PRO A 7 -5.03 1.27 -4.41
C PRO A 7 -3.74 1.26 -3.59
N SER A 8 -3.32 0.07 -3.20
CA SER A 8 -2.10 -0.08 -2.40
C SER A 8 -0.88 0.32 -3.21
N TYR A 9 -0.99 0.28 -4.52
CA TYR A 9 0.14 0.63 -5.38
C TYR A 9 0.57 2.07 -5.12
N LEU A 10 -0.30 2.86 -4.49
CA LEU A 10 0.01 4.25 -4.19
C LEU A 10 1.09 4.34 -3.13
N CYS A 11 1.23 3.28 -2.32
CA CYS A 11 2.22 3.26 -1.26
C CYS A 11 3.14 2.05 -1.41
N PRO A 12 3.98 2.07 -2.41
CA PRO A 12 4.93 0.96 -2.70
C PRO A 12 5.98 0.82 -1.60
N TRP A 13 6.23 1.91 -0.89
CA TRP A 13 7.21 1.89 0.19
C TRP A 13 6.70 1.05 1.36
N LEU A 14 5.40 0.75 1.37
CA LEU A 14 4.84 -0.03 2.45
C LEU A 14 4.92 -1.54 2.14
N PRO A 15 5.66 -2.31 2.91
CA PRO A 15 5.80 -3.78 2.68
C PRO A 15 4.45 -4.47 2.57
N GLY A 16 3.51 -4.05 3.40
CA GLY A 16 2.17 -4.63 3.40
C GLY A 16 1.47 -4.41 2.06
N CYS A 17 1.66 -3.22 1.51
CA CYS A 17 1.03 -2.88 0.23
C CYS A 17 1.48 -3.84 -0.86
N GLY A 2 -5.24 -5.26 5.96
CA GLY A 2 -4.73 -4.92 4.64
C GLY A 2 -4.01 -3.58 4.66
N CYS A 3 -3.50 -3.16 3.51
CA CYS A 3 -2.80 -1.90 3.42
C CYS A 3 -3.78 -0.72 3.50
N PRO A 4 -3.44 0.35 4.17
CA PRO A 4 -4.32 1.55 4.30
C PRO A 4 -4.45 2.33 2.98
N CYS A 5 -3.55 2.04 2.05
CA CYS A 5 -3.58 2.73 0.76
C CYS A 5 -4.43 1.96 -0.23
N GLU A 6 -5.36 2.66 -0.87
CA GLU A 6 -6.23 2.01 -1.85
C GLU A 6 -6.36 2.89 -3.12
N PRO A 7 -5.81 2.48 -4.24
CA PRO A 7 -5.04 1.22 -4.38
C PRO A 7 -3.76 1.24 -3.56
N SER A 8 -3.32 0.05 -3.14
CA SER A 8 -2.11 -0.06 -2.32
C SER A 8 -0.88 0.31 -3.12
N TYR A 9 -0.99 0.23 -4.44
CA TYR A 9 0.15 0.54 -5.30
C TYR A 9 0.59 2.00 -5.09
N LEU A 10 -0.30 2.80 -4.50
CA LEU A 10 0.03 4.20 -4.24
C LEU A 10 1.09 4.32 -3.15
N CYS A 11 1.24 3.26 -2.35
CA CYS A 11 2.22 3.27 -1.29
C CYS A 11 3.15 2.07 -1.42
N PRO A 12 4.02 2.10 -2.40
CA PRO A 12 4.99 1.00 -2.66
C PRO A 12 6.03 0.88 -1.54
N TRP A 13 6.23 1.97 -0.81
CA TRP A 13 7.16 1.98 0.29
C TRP A 13 6.66 1.11 1.44
N LEU A 14 5.37 0.75 1.39
CA LEU A 14 4.80 -0.08 2.45
C LEU A 14 4.93 -1.57 2.10
N PRO A 15 5.70 -2.33 2.84
CA PRO A 15 5.87 -3.80 2.57
C PRO A 15 4.54 -4.53 2.44
N GLY A 16 3.60 -4.18 3.30
CA GLY A 16 2.27 -4.80 3.29
C GLY A 16 1.55 -4.51 1.98
N CYS A 17 1.69 -3.29 1.48
CA CYS A 17 1.02 -2.89 0.25
C CYS A 17 1.45 -3.79 -0.90
N GLY A 2 -4.44 -5.56 6.13
CA GLY A 2 -4.27 -5.09 4.77
C GLY A 2 -3.58 -3.73 4.74
N CYS A 3 -3.33 -3.21 3.55
CA CYS A 3 -2.67 -1.92 3.43
C CYS A 3 -3.70 -0.78 3.48
N PRO A 4 -3.44 0.28 4.21
CA PRO A 4 -4.39 1.44 4.29
C PRO A 4 -4.49 2.19 2.96
N CYS A 5 -3.52 1.98 2.09
CA CYS A 5 -3.52 2.64 0.79
C CYS A 5 -4.38 1.88 -0.21
N GLU A 6 -5.31 2.58 -0.84
CA GLU A 6 -6.19 1.95 -1.83
C GLU A 6 -6.34 2.86 -3.07
N PRO A 7 -5.78 2.49 -4.21
CA PRO A 7 -5.01 1.23 -4.39
C PRO A 7 -3.72 1.24 -3.57
N SER A 8 -3.29 0.05 -3.17
CA SER A 8 -2.08 -0.09 -2.37
C SER A 8 -0.84 0.31 -3.17
N TYR A 9 -0.95 0.25 -4.49
CA TYR A 9 0.17 0.60 -5.35
C TYR A 9 0.60 2.04 -5.10
N LEU A 10 -0.27 2.83 -4.49
CA LEU A 10 0.04 4.23 -4.19
C LEU A 10 1.14 4.32 -3.15
N CYS A 11 1.25 3.30 -2.31
CA CYS A 11 2.26 3.29 -1.27
C CYS A 11 3.17 2.07 -1.41
N PRO A 12 4.00 2.07 -2.41
CA PRO A 12 4.96 0.94 -2.68
C PRO A 12 6.00 0.81 -1.58
N TRP A 13 6.24 1.91 -0.87
CA TRP A 13 7.21 1.91 0.21
C TRP A 13 6.70 1.06 1.37
N LEU A 14 5.40 0.76 1.38
CA LEU A 14 4.83 -0.04 2.44
C LEU A 14 4.89 -1.53 2.10
N PRO A 15 5.64 -2.33 2.85
CA PRO A 15 5.76 -3.79 2.58
C PRO A 15 4.39 -4.47 2.46
N GLY A 16 3.47 -4.07 3.32
CA GLY A 16 2.13 -4.63 3.32
C GLY A 16 1.41 -4.36 2.02
N CYS A 17 1.60 -3.16 1.48
CA CYS A 17 0.96 -2.77 0.24
C CYS A 17 1.39 -3.69 -0.90
N GLY A 2 -4.90 -5.27 6.15
CA GLY A 2 -4.52 -4.91 4.79
C GLY A 2 -3.89 -3.53 4.74
N CYS A 3 -3.33 -3.18 3.59
CA CYS A 3 -2.68 -1.88 3.46
C CYS A 3 -3.72 -0.75 3.51
N PRO A 4 -3.42 0.35 4.18
CA PRO A 4 -4.37 1.51 4.28
C PRO A 4 -4.49 2.28 2.96
N CYS A 5 -3.56 2.03 2.04
CA CYS A 5 -3.58 2.70 0.75
C CYS A 5 -4.45 1.95 -0.25
N GLU A 6 -5.38 2.67 -0.88
CA GLU A 6 -6.24 2.03 -1.86
C GLU A 6 -6.37 2.91 -3.12
N PRO A 7 -5.81 2.52 -4.24
CA PRO A 7 -5.05 1.23 -4.38
C PRO A 7 -3.76 1.25 -3.57
N SER A 8 -3.34 0.06 -3.16
CA SER A 8 -2.12 -0.06 -2.34
C SER A 8 -0.89 0.31 -3.15
N TYR A 9 -1.00 0.21 -4.46
CA TYR A 9 0.14 0.53 -5.33
C TYR A 9 0.58 1.98 -5.10
N LEU A 10 -0.29 2.79 -4.51
CA LEU A 10 0.04 4.18 -4.23
C LEU A 10 1.11 4.30 -3.16
N CYS A 11 1.24 3.25 -2.34
CA CYS A 11 2.23 3.26 -1.27
C CYS A 11 3.17 2.07 -1.40
N PRO A 12 4.02 2.09 -2.39
CA PRO A 12 5.01 0.99 -2.63
C PRO A 12 6.02 0.88 -1.50
N TRP A 13 6.24 1.98 -0.79
CA TRP A 13 7.18 1.98 0.32
C TRP A 13 6.66 1.12 1.46
N LEU A 14 5.38 0.73 1.40
CA LEU A 14 4.82 -0.09 2.46
C LEU A 14 4.93 -1.58 2.10
N PRO A 15 5.69 -2.36 2.83
CA PRO A 15 5.86 -3.82 2.55
C PRO A 15 4.51 -4.53 2.43
N GLY A 16 3.57 -4.15 3.29
CA GLY A 16 2.25 -4.75 3.28
C GLY A 16 1.51 -4.46 1.97
N CYS A 17 1.67 -3.24 1.48
CA CYS A 17 1.01 -2.84 0.24
C CYS A 17 1.41 -3.76 -0.90
N GLY A 2 -4.87 -5.40 6.15
CA GLY A 2 -4.52 -5.01 4.79
C GLY A 2 -3.85 -3.65 4.77
N CYS A 3 -3.34 -3.24 3.61
CA CYS A 3 -2.68 -1.94 3.50
C CYS A 3 -3.72 -0.82 3.53
N PRO A 4 -3.47 0.27 4.24
CA PRO A 4 -4.43 1.41 4.32
C PRO A 4 -4.56 2.16 3.01
N CYS A 5 -3.57 1.99 2.13
CA CYS A 5 -3.58 2.67 0.83
C CYS A 5 -4.46 1.90 -0.15
N GLU A 6 -5.29 2.64 -0.89
CA GLU A 6 -6.18 2.02 -1.86
C GLU A 6 -6.32 2.92 -3.11
N PRO A 7 -5.77 2.54 -4.24
CA PRO A 7 -5.02 1.27 -4.43
C PRO A 7 -3.71 1.26 -3.64
N SER A 8 -3.32 0.08 -3.18
CA SER A 8 -2.10 -0.06 -2.39
C SER A 8 -0.87 0.31 -3.21
N TYR A 9 -0.97 0.26 -4.53
CA TYR A 9 0.16 0.58 -5.38
C TYR A 9 0.62 2.02 -5.13
N LEU A 10 -0.26 2.83 -4.53
CA LEU A 10 0.06 4.22 -4.23
C LEU A 10 1.14 4.31 -3.16
N CYS A 11 1.26 3.27 -2.35
CA CYS A 11 2.25 3.26 -1.28
C CYS A 11 3.16 2.06 -1.43
N PRO A 12 4.01 2.08 -2.43
CA PRO A 12 4.96 0.96 -2.70
C PRO A 12 6.01 0.84 -1.60
N TRP A 13 6.23 1.93 -0.87
CA TRP A 13 7.19 1.93 0.22
C TRP A 13 6.70 1.07 1.38
N LEU A 14 5.40 0.77 1.40
CA LEU A 14 4.84 -0.05 2.47
C LEU A 14 4.92 -1.54 2.12
N PRO A 15 5.67 -2.34 2.86
CA PRO A 15 5.80 -3.81 2.58
C PRO A 15 4.45 -4.50 2.46
N GLY A 16 3.53 -4.11 3.34
CA GLY A 16 2.19 -4.68 3.35
C GLY A 16 1.46 -4.39 2.03
N CYS A 17 1.64 -3.18 1.52
CA CYS A 17 0.97 -2.79 0.28
C CYS A 17 1.40 -3.70 -0.86
N GLY A 2 -4.47 -5.52 6.12
CA GLY A 2 -4.39 -5.04 4.74
C GLY A 2 -3.78 -3.64 4.70
N CYS A 3 -3.19 -3.30 3.55
CA CYS A 3 -2.57 -2.00 3.40
C CYS A 3 -3.64 -0.90 3.41
N PRO A 4 -3.44 0.17 4.15
CA PRO A 4 -4.42 1.29 4.24
C PRO A 4 -4.52 2.07 2.93
N CYS A 5 -3.51 1.92 2.07
CA CYS A 5 -3.51 2.62 0.80
C CYS A 5 -4.38 1.89 -0.21
N GLU A 6 -5.29 2.63 -0.84
CA GLU A 6 -6.17 2.03 -1.82
C GLU A 6 -6.33 2.98 -3.04
N PRO A 7 -5.81 2.62 -4.19
CA PRO A 7 -5.05 1.34 -4.39
C PRO A 7 -3.76 1.31 -3.57
N SER A 8 -3.32 0.11 -3.23
CA SER A 8 -2.10 -0.05 -2.43
C SER A 8 -0.88 0.35 -3.24
N TYR A 9 -1.00 0.31 -4.55
CA TYR A 9 0.11 0.67 -5.43
C TYR A 9 0.56 2.10 -5.16
N LEU A 10 -0.30 2.88 -4.50
CA LEU A 10 0.02 4.26 -4.19
C LEU A 10 1.12 4.32 -3.13
N CYS A 11 1.22 3.28 -2.33
CA CYS A 11 2.24 3.24 -1.28
C CYS A 11 3.13 2.01 -1.44
N PRO A 12 3.97 2.02 -2.43
CA PRO A 12 4.90 0.88 -2.70
C PRO A 12 5.95 0.72 -1.62
N TRP A 13 6.26 1.82 -0.93
CA TRP A 13 7.25 1.79 0.13
C TRP A 13 6.74 0.96 1.30
N LEU A 14 5.42 0.78 1.37
CA LEU A 14 4.83 0.02 2.46
C LEU A 14 4.90 -1.49 2.16
N PRO A 15 5.62 -2.25 2.96
CA PRO A 15 5.75 -3.72 2.77
C PRO A 15 4.39 -4.41 2.65
N GLY A 16 3.44 -3.98 3.46
CA GLY A 16 2.10 -4.56 3.43
C GLY A 16 1.43 -4.33 2.08
N CYS A 17 1.65 -3.15 1.52
CA CYS A 17 1.05 -2.80 0.24
C CYS A 17 1.54 -3.75 -0.85
N GLY A 2 -5.53 -5.07 5.74
CA GLY A 2 -4.56 -4.97 4.65
C GLY A 2 -3.93 -3.58 4.59
N CYS A 3 -3.22 -3.30 3.52
CA CYS A 3 -2.57 -2.00 3.39
C CYS A 3 -3.62 -0.88 3.42
N PRO A 4 -3.40 0.18 4.19
CA PRO A 4 -4.36 1.32 4.28
C PRO A 4 -4.49 2.10 2.97
N CYS A 5 -3.51 1.93 2.09
CA CYS A 5 -3.52 2.64 0.81
C CYS A 5 -4.39 1.88 -0.20
N GLU A 6 -5.32 2.60 -0.82
CA GLU A 6 -6.19 1.99 -1.82
C GLU A 6 -6.36 2.92 -3.03
N PRO A 7 -5.80 2.59 -4.18
CA PRO A 7 -5.03 1.33 -4.41
C PRO A 7 -3.73 1.31 -3.62
N SER A 8 -3.28 0.11 -3.26
CA SER A 8 -2.06 -0.04 -2.48
C SER A 8 -0.84 0.37 -3.29
N TYR A 9 -0.96 0.37 -4.62
CA TYR A 9 0.15 0.74 -5.48
C TYR A 9 0.59 2.18 -5.18
N LEU A 10 -0.28 2.95 -4.53
CA LEU A 10 0.04 4.33 -4.18
C LEU A 10 1.13 4.37 -3.11
N CYS A 11 1.22 3.31 -2.33
CA CYS A 11 2.21 3.24 -1.27
C CYS A 11 3.07 1.99 -1.43
N PRO A 12 3.92 2.00 -2.44
CA PRO A 12 4.83 0.85 -2.73
C PRO A 12 5.89 0.68 -1.66
N TRP A 13 6.21 1.77 -0.98
CA TRP A 13 7.20 1.74 0.08
C TRP A 13 6.68 0.93 1.26
N LEU A 14 5.36 0.77 1.35
CA LEU A 14 4.79 0.02 2.46
C LEU A 14 4.89 -1.49 2.20
N PRO A 15 5.61 -2.23 3.03
CA PRO A 15 5.77 -3.71 2.85
C PRO A 15 4.43 -4.42 2.70
N GLY A 16 3.45 -3.99 3.50
CA GLY A 16 2.12 -4.60 3.44
C GLY A 16 1.46 -4.36 2.09
N CYS A 17 1.66 -3.17 1.54
CA CYS A 17 1.07 -2.83 0.24
C CYS A 17 1.56 -3.79 -0.83
N GLY A 2 -4.48 -5.45 6.21
CA GLY A 2 -4.15 -5.07 4.83
C GLY A 2 -3.58 -3.67 4.77
N CYS A 3 -3.10 -3.29 3.59
CA CYS A 3 -2.51 -1.96 3.43
C CYS A 3 -3.61 -0.88 3.45
N PRO A 4 -3.41 0.20 4.16
CA PRO A 4 -4.41 1.32 4.24
C PRO A 4 -4.52 2.10 2.93
N CYS A 5 -3.53 1.93 2.05
CA CYS A 5 -3.54 2.63 0.77
C CYS A 5 -4.41 1.90 -0.23
N GLU A 6 -5.34 2.63 -0.83
CA GLU A 6 -6.22 2.04 -1.83
C GLU A 6 -6.35 2.96 -3.06
N PRO A 7 -5.80 2.58 -4.20
CA PRO A 7 -5.05 1.31 -4.38
C PRO A 7 -3.75 1.31 -3.56
N SER A 8 -3.32 0.11 -3.19
CA SER A 8 -2.11 -0.03 -2.39
C SER A 8 -0.87 0.35 -3.20
N TYR A 9 -0.99 0.28 -4.52
CA TYR A 9 0.14 0.62 -5.39
C TYR A 9 0.58 2.06 -5.13
N LEU A 10 -0.29 2.86 -4.50
CA LEU A 10 0.04 4.25 -4.21
C LEU A 10 1.15 4.32 -3.17
N CYS A 11 1.23 3.30 -2.33
CA CYS A 11 2.25 3.27 -1.28
C CYS A 11 3.13 2.04 -1.44
N PRO A 12 3.99 2.04 -2.43
CA PRO A 12 4.92 0.91 -2.71
C PRO A 12 5.97 0.75 -1.61
N TRP A 13 6.26 1.84 -0.92
CA TRP A 13 7.23 1.81 0.16
C TRP A 13 6.71 0.99 1.33
N LEU A 14 5.39 0.78 1.37
CA LEU A 14 4.82 0.01 2.46
C LEU A 14 4.89 -1.49 2.18
N PRO A 15 5.60 -2.26 2.97
CA PRO A 15 5.73 -3.74 2.78
C PRO A 15 4.38 -4.43 2.61
N GLY A 16 3.42 -4.03 3.42
CA GLY A 16 2.08 -4.63 3.36
C GLY A 16 1.43 -4.37 2.01
N CYS A 17 1.62 -3.16 1.49
CA CYS A 17 1.04 -2.79 0.21
C CYS A 17 1.51 -3.73 -0.90
N GLY A 2 -5.10 -5.29 6.06
CA GLY A 2 -4.56 -5.00 4.74
C GLY A 2 -3.89 -3.63 4.72
N CYS A 3 -3.38 -3.25 3.55
CA CYS A 3 -2.70 -1.96 3.44
C CYS A 3 -3.73 -0.81 3.46
N PRO A 4 -3.47 0.27 4.19
CA PRO A 4 -4.41 1.42 4.26
C PRO A 4 -4.51 2.20 2.95
N CYS A 5 -3.54 1.97 2.06
CA CYS A 5 -3.54 2.66 0.77
C CYS A 5 -4.40 1.91 -0.24
N GLU A 6 -5.35 2.62 -0.84
CA GLU A 6 -6.23 2.00 -1.83
C GLU A 6 -6.38 2.90 -3.08
N PRO A 7 -5.83 2.53 -4.22
CA PRO A 7 -5.06 1.26 -4.40
C PRO A 7 -3.75 1.26 -3.60
N SER A 8 -3.34 0.07 -3.18
CA SER A 8 -2.12 -0.07 -2.39
C SER A 8 -0.88 0.31 -3.19
N TYR A 9 -1.00 0.27 -4.52
CA TYR A 9 0.15 0.61 -5.36
C TYR A 9 0.59 2.05 -5.11
N LEU A 10 -0.28 2.84 -4.48
CA LEU A 10 0.04 4.24 -4.17
C LEU A 10 1.12 4.33 -3.10
N CYS A 11 1.27 3.26 -2.32
CA CYS A 11 2.28 3.26 -1.26
C CYS A 11 3.20 2.05 -1.41
N PRO A 12 4.03 2.06 -2.42
CA PRO A 12 4.99 0.96 -2.69
C PRO A 12 6.04 0.83 -1.59
N TRP A 13 6.27 1.93 -0.88
CA TRP A 13 7.24 1.93 0.20
C TRP A 13 6.73 1.09 1.37
N LEU A 14 5.44 0.75 1.36
CA LEU A 14 4.87 -0.04 2.44
C LEU A 14 4.94 -1.54 2.11
N PRO A 15 5.69 -2.33 2.85
CA PRO A 15 5.81 -3.80 2.58
C PRO A 15 4.44 -4.49 2.50
N GLY A 16 3.53 -4.07 3.37
CA GLY A 16 2.19 -4.65 3.39
C GLY A 16 1.45 -4.39 2.07
N CYS A 17 1.63 -3.19 1.53
CA CYS A 17 0.97 -2.82 0.29
C CYS A 17 1.38 -3.76 -0.84
N GLY A 2 -3.96 -5.91 3.73
CA GLY A 2 -4.64 -4.98 4.64
C GLY A 2 -3.97 -3.62 4.65
N CYS A 3 -3.37 -3.23 3.51
CA CYS A 3 -2.69 -1.95 3.43
C CYS A 3 -3.69 -0.79 3.48
N PRO A 4 -3.43 0.25 4.23
CA PRO A 4 -4.36 1.42 4.34
C PRO A 4 -4.49 2.18 3.02
N CYS A 5 -3.54 1.96 2.11
CA CYS A 5 -3.57 2.66 0.82
C CYS A 5 -4.45 1.89 -0.16
N GLU A 6 -5.31 2.62 -0.87
CA GLU A 6 -6.21 2.02 -1.85
C GLU A 6 -6.35 2.93 -3.09
N PRO A 7 -5.80 2.55 -4.23
CA PRO A 7 -5.04 1.28 -4.42
C PRO A 7 -3.74 1.27 -3.62
N SER A 8 -3.33 0.08 -3.19
CA SER A 8 -2.11 -0.07 -2.40
C SER A 8 -0.87 0.31 -3.22
N TYR A 9 -0.99 0.27 -4.53
CA TYR A 9 0.15 0.59 -5.39
C TYR A 9 0.59 2.03 -5.15
N LEU A 10 -0.28 2.83 -4.53
CA LEU A 10 0.05 4.23 -4.23
C LEU A 10 1.13 4.32 -3.16
N CYS A 11 1.26 3.27 -2.35
CA CYS A 11 2.25 3.26 -1.28
C CYS A 11 3.15 2.05 -1.42
N PRO A 12 3.99 2.06 -2.41
CA PRO A 12 4.95 0.95 -2.68
C PRO A 12 5.99 0.82 -1.58
N TRP A 13 6.24 1.92 -0.87
CA TRP A 13 7.21 1.90 0.21
C TRP A 13 6.72 1.06 1.38
N LEU A 14 5.42 0.76 1.40
CA LEU A 14 4.86 -0.04 2.48
C LEU A 14 4.92 -1.53 2.15
N PRO A 15 5.67 -2.33 2.90
CA PRO A 15 5.79 -3.79 2.62
C PRO A 15 4.44 -4.47 2.51
N GLY A 16 3.50 -4.06 3.36
CA GLY A 16 2.17 -4.64 3.35
C GLY A 16 1.46 -4.38 2.03
N CYS A 17 1.64 -3.18 1.50
CA CYS A 17 1.01 -2.80 0.24
C CYS A 17 1.46 -3.73 -0.89
#